data_4DGH
#
_entry.id   4DGH
#
_cell.length_a   90.850
_cell.length_b   90.850
_cell.length_c   65.180
_cell.angle_alpha   90.00
_cell.angle_beta   90.00
_cell.angle_gamma   90.00
#
_symmetry.space_group_name_H-M   'P 4 21 2'
#
loop_
_entity.id
_entity.type
_entity.pdbx_description
1 polymer 'Sulfate permease family protein'
2 non-polymer 'POTASSIUM ION'
3 non-polymer 'IODIDE ION'
4 non-polymer GLYCEROL
5 water water
#
_entity_poly.entity_id   1
_entity_poly.type   'polypeptide(L)'
_entity_poly.pdbx_seq_one_letter_code
;SNAE(MSE)SYELAQHGRSTLPRELAVYALEGPFFFAAAETFERV(MSE)GSIQETPQILILRLKWVPF(MSE)DITGIQ
TLEE(MSE)IQSFHKRGIKVLISGANSRVSQKLVKAGIVKLVGEQNVYPVFEGALSAALTEIEAQP
;
_entity_poly.pdbx_strand_id   A,B
#
# COMPACT_ATOMS: atom_id res chain seq x y z
N ASN A 2 -5.12 -5.10 3.41
CA ASN A 2 -4.31 -3.93 2.88
C ASN A 2 -5.07 -2.55 2.64
N ALA A 3 -4.41 -1.39 2.89
CA ALA A 3 -4.84 -0.08 2.27
C ALA A 3 -4.41 -0.03 0.78
N GLU A 4 -3.35 -0.77 0.43
CA GLU A 4 -2.96 -0.93 -0.94
C GLU A 4 -4.12 -1.59 -1.70
N SER A 6 -7.45 -1.66 -0.64
CA SER A 6 -8.63 -0.80 -0.71
C SER A 6 -8.49 0.34 -1.77
N TYR A 7 -7.30 0.89 -1.94
CA TYR A 7 -7.13 1.95 -2.92
C TYR A 7 -7.35 1.47 -4.38
N GLU A 8 -6.68 0.38 -4.73
CA GLU A 8 -6.84 -0.16 -6.10
C GLU A 8 -8.25 -0.67 -6.36
N LEU A 9 -8.84 -1.28 -5.36
CA LEU A 9 -10.27 -1.67 -5.48
C LEU A 9 -11.15 -0.47 -5.80
N ALA A 10 -10.97 0.63 -5.05
CA ALA A 10 -11.83 1.81 -5.32
C ALA A 10 -11.52 2.40 -6.71
N GLN A 11 -10.26 2.38 -7.15
CA GLN A 11 -9.93 2.80 -8.49
C GLN A 11 -10.67 2.04 -9.53
N HIS A 12 -10.99 0.77 -9.24
CA HIS A 12 -11.81 -0.03 -10.13
C HIS A 12 -13.25 -0.12 -9.77
N GLY A 13 -13.71 0.80 -8.92
CA GLY A 13 -15.10 0.88 -8.52
C GLY A 13 -15.64 -0.29 -7.68
N ARG A 14 -14.76 -0.93 -6.90
N ARG A 14 -14.76 -0.94 -6.91
CA ARG A 14 -15.14 -2.07 -6.04
CA ARG A 14 -15.16 -2.06 -6.02
C ARG A 14 -14.80 -1.79 -4.59
C ARG A 14 -14.80 -1.78 -4.58
N SER A 15 -15.46 -2.50 -3.67
CA SER A 15 -15.12 -2.45 -2.25
C SER A 15 -14.50 -3.78 -1.79
N THR A 16 -14.80 -4.85 -2.52
CA THR A 16 -14.40 -6.19 -2.14
C THR A 16 -13.63 -6.83 -3.33
N LEU A 17 -12.73 -7.74 -2.97
CA LEU A 17 -11.94 -8.44 -3.96
C LEU A 17 -12.96 -9.24 -4.79
N PRO A 18 -12.84 -9.15 -6.11
CA PRO A 18 -13.82 -9.97 -6.88
C PRO A 18 -13.56 -11.43 -6.75
N ARG A 19 -14.63 -12.19 -7.00
CA ARG A 19 -14.61 -13.63 -6.86
C ARG A 19 -13.47 -14.30 -7.67
N GLU A 20 -13.17 -13.73 -8.84
CA GLU A 20 -12.08 -14.20 -9.69
C GLU A 20 -10.64 -14.05 -9.22
N LEU A 21 -10.38 -13.30 -8.13
CA LEU A 21 -8.99 -13.02 -7.77
C LEU A 21 -8.75 -13.49 -6.32
N ALA A 22 -7.64 -14.17 -6.07
CA ALA A 22 -7.24 -14.57 -4.74
C ALA A 22 -5.81 -13.99 -4.51
N VAL A 23 -5.44 -13.90 -3.24
CA VAL A 23 -4.16 -13.28 -2.91
C VAL A 23 -3.64 -14.17 -1.78
N TYR A 24 -2.37 -14.57 -1.89
CA TYR A 24 -1.76 -15.36 -0.82
C TYR A 24 -0.36 -14.85 -0.56
N ALA A 25 0.05 -14.75 0.69
CA ALA A 25 1.39 -14.37 0.94
C ALA A 25 2.22 -15.44 1.60
N LEU A 26 3.47 -15.56 1.16
CA LEU A 26 4.38 -16.46 1.80
C LEU A 26 4.94 -15.69 3.02
N GLU A 27 4.83 -16.26 4.20
CA GLU A 27 5.32 -15.50 5.37
C GLU A 27 6.68 -16.05 5.77
N GLY A 28 7.70 -15.25 5.54
CA GLY A 28 9.04 -15.55 5.99
C GLY A 28 9.74 -16.50 5.06
N PRO A 29 11.02 -16.75 5.33
CA PRO A 29 11.65 -17.68 4.44
C PRO A 29 11.22 -19.13 4.57
N PHE A 30 10.61 -19.55 5.69
CA PHE A 30 10.30 -20.98 5.87
C PHE A 30 8.79 -21.11 5.72
N PHE A 31 8.35 -20.84 4.50
CA PHE A 31 6.92 -20.74 4.22
C PHE A 31 6.41 -22.14 3.88
N PHE A 32 7.22 -23.19 4.11
CA PHE A 32 6.87 -24.58 3.66
C PHE A 32 5.54 -25.09 4.22
N ALA A 33 5.30 -24.91 5.49
CA ALA A 33 4.06 -25.51 6.07
C ALA A 33 2.82 -24.80 5.46
N ALA A 34 2.90 -23.48 5.34
CA ALA A 34 1.88 -22.68 4.62
C ALA A 34 1.71 -23.01 3.15
N ALA A 35 2.80 -23.17 2.45
CA ALA A 35 2.73 -23.59 1.07
C ALA A 35 1.91 -24.87 1.01
N GLU A 36 2.17 -25.81 1.92
CA GLU A 36 1.56 -27.14 1.84
C GLU A 36 0.03 -27.05 2.06
N THR A 37 -0.34 -26.30 3.08
CA THR A 37 -1.74 -26.08 3.40
C THR A 37 -2.49 -25.39 2.24
N PHE A 38 -1.86 -24.38 1.67
CA PHE A 38 -2.55 -23.61 0.68
C PHE A 38 -2.75 -24.44 -0.59
N GLU A 39 -1.74 -25.23 -0.91
CA GLU A 39 -1.78 -26.14 -2.00
C GLU A 39 -2.91 -27.15 -1.76
N ARG A 40 -3.02 -27.67 -0.53
CA ARG A 40 -4.12 -28.56 -0.18
C ARG A 40 -5.48 -27.92 -0.30
N VAL A 41 -5.64 -26.68 0.14
CA VAL A 41 -6.90 -25.98 0.05
C VAL A 41 -7.30 -25.78 -1.42
N GLY A 43 -6.49 -27.41 -3.95
CA GLY A 43 -6.86 -28.73 -4.52
C GLY A 43 -8.21 -29.24 -4.08
N SER A 44 -8.65 -28.84 -2.88
CA SER A 44 -9.89 -29.44 -2.30
C SER A 44 -11.15 -28.63 -2.52
N ILE A 45 -11.00 -27.33 -2.63
CA ILE A 45 -12.17 -26.49 -2.89
C ILE A 45 -12.75 -26.73 -4.28
N GLN A 46 -14.03 -26.44 -4.36
CA GLN A 46 -14.85 -26.75 -5.50
C GLN A 46 -14.56 -25.73 -6.60
N GLU A 47 -14.59 -24.46 -6.25
CA GLU A 47 -14.34 -23.41 -7.20
C GLU A 47 -13.01 -22.78 -6.92
N THR A 48 -12.33 -22.50 -8.02
CA THR A 48 -11.02 -21.84 -7.99
C THR A 48 -11.04 -20.44 -8.58
N PRO A 49 -10.13 -19.56 -8.10
CA PRO A 49 -10.08 -18.23 -8.68
C PRO A 49 -9.50 -18.33 -10.13
N GLN A 50 -9.77 -17.32 -10.97
N GLN A 50 -9.70 -17.31 -10.96
CA GLN A 50 -9.08 -17.14 -12.27
CA GLN A 50 -8.97 -17.27 -12.22
C GLN A 50 -7.56 -16.78 -12.09
C GLN A 50 -7.49 -16.83 -12.06
N ILE A 51 -7.27 -15.90 -11.14
CA ILE A 51 -5.95 -15.32 -10.90
C ILE A 51 -5.58 -15.42 -9.43
N LEU A 52 -4.34 -15.80 -9.16
N LEU A 52 -4.35 -15.86 -9.16
CA LEU A 52 -3.82 -15.81 -7.77
CA LEU A 52 -3.83 -15.79 -7.80
C LEU A 52 -2.54 -14.98 -7.70
C LEU A 52 -2.65 -14.82 -7.85
N ILE A 53 -2.54 -13.93 -6.87
CA ILE A 53 -1.33 -13.18 -6.61
C ILE A 53 -0.62 -13.79 -5.43
N LEU A 54 0.62 -14.18 -5.67
N LEU A 54 0.61 -14.26 -5.69
CA LEU A 54 1.49 -14.69 -4.66
CA LEU A 54 1.53 -14.68 -4.66
C LEU A 54 2.48 -13.61 -4.21
C LEU A 54 2.41 -13.49 -4.26
N ARG A 55 2.27 -13.06 -3.01
CA ARG A 55 3.10 -11.94 -2.43
C ARG A 55 4.37 -12.50 -1.78
N LEU A 56 5.52 -12.03 -2.23
CA LEU A 56 6.81 -12.47 -1.76
C LEU A 56 7.59 -11.40 -0.95
N LYS A 57 6.94 -10.27 -0.63
CA LYS A 57 7.59 -9.16 0.12
C LYS A 57 8.22 -9.65 1.45
N TRP A 58 7.60 -10.61 2.11
CA TRP A 58 8.10 -11.17 3.38
C TRP A 58 9.09 -12.30 3.27
N VAL A 59 9.59 -12.57 2.05
CA VAL A 59 10.57 -13.64 1.94
C VAL A 59 11.95 -13.03 1.76
N PRO A 60 12.83 -13.17 2.76
CA PRO A 60 14.11 -12.48 2.64
C PRO A 60 15.16 -13.19 1.77
N PHE A 61 15.04 -14.51 1.60
CA PHE A 61 15.97 -15.24 0.78
C PHE A 61 15.26 -16.55 0.46
N ASP A 63 16.39 -20.68 -0.70
CA ASP A 63 17.39 -21.64 -1.11
C ASP A 63 16.70 -22.64 -2.04
N ILE A 64 17.49 -23.63 -2.49
CA ILE A 64 16.97 -24.69 -3.34
C ILE A 64 15.71 -25.34 -2.77
N THR A 65 15.61 -25.43 -1.45
CA THR A 65 14.46 -26.08 -0.87
C THR A 65 13.20 -25.21 -1.02
N GLY A 66 13.31 -23.90 -0.84
CA GLY A 66 12.12 -23.06 -0.98
C GLY A 66 11.83 -22.90 -2.48
N ILE A 67 12.85 -22.87 -3.32
CA ILE A 67 12.60 -22.80 -4.78
C ILE A 67 11.79 -23.99 -5.27
N GLN A 68 12.16 -25.18 -4.83
CA GLN A 68 11.45 -26.37 -5.31
C GLN A 68 10.04 -26.43 -4.70
N THR A 69 9.88 -25.94 -3.49
CA THR A 69 8.54 -25.82 -2.88
C THR A 69 7.67 -24.85 -3.64
N LEU A 70 8.22 -23.66 -3.95
CA LEU A 70 7.46 -22.65 -4.68
C LEU A 70 7.10 -23.18 -6.08
N GLU A 71 8.06 -23.83 -6.74
CA GLU A 71 7.78 -24.45 -8.04
C GLU A 71 6.59 -25.44 -8.02
N GLU A 72 6.60 -26.36 -7.09
CA GLU A 72 5.57 -27.40 -6.96
C GLU A 72 4.23 -26.74 -6.67
N ILE A 74 3.22 -23.68 -7.51
CA ILE A 74 2.75 -23.02 -8.72
C ILE A 74 2.28 -24.02 -9.75
N GLN A 75 3.03 -25.10 -9.91
CA GLN A 75 2.59 -26.21 -10.80
CA GLN A 75 2.59 -26.19 -10.82
C GLN A 75 1.20 -26.73 -10.43
N SER A 76 0.96 -26.90 -9.14
CA SER A 76 -0.30 -27.38 -8.65
C SER A 76 -1.44 -26.38 -8.92
N PHE A 77 -1.18 -25.07 -8.92
CA PHE A 77 -2.23 -24.09 -9.30
C PHE A 77 -2.46 -24.08 -10.82
N HIS A 78 -1.38 -24.14 -11.58
CA HIS A 78 -1.46 -24.07 -13.05
C HIS A 78 -2.27 -25.23 -13.55
N LYS A 79 -2.15 -26.34 -12.87
CA LYS A 79 -2.82 -27.51 -13.42
C LYS A 79 -4.34 -27.42 -13.19
N ARG A 80 -4.82 -26.56 -12.28
N ARG A 80 -4.75 -26.50 -12.32
CA ARG A 80 -6.29 -26.27 -12.17
CA ARG A 80 -6.16 -26.19 -12.05
C ARG A 80 -6.80 -25.07 -13.02
C ARG A 80 -6.67 -24.92 -12.79
N GLY A 81 -5.95 -24.48 -13.81
CA GLY A 81 -6.36 -23.39 -14.63
C GLY A 81 -6.09 -22.04 -14.00
N ILE A 82 -5.38 -21.98 -12.89
CA ILE A 82 -5.14 -20.67 -12.20
C ILE A 82 -3.90 -20.00 -12.78
N LYS A 83 -4.08 -18.74 -13.19
CA LYS A 83 -2.96 -17.89 -13.59
C LYS A 83 -2.34 -17.29 -12.34
N VAL A 84 -1.04 -17.42 -12.21
CA VAL A 84 -0.34 -17.04 -11.01
C VAL A 84 0.51 -15.82 -11.31
N LEU A 85 0.25 -14.72 -10.58
CA LEU A 85 1.15 -13.58 -10.62
C LEU A 85 2.04 -13.59 -9.36
N ILE A 86 3.24 -13.00 -9.45
CA ILE A 86 4.10 -12.90 -8.32
C ILE A 86 4.39 -11.42 -8.10
N SER A 87 4.36 -10.96 -6.86
CA SER A 87 4.74 -9.56 -6.56
C SER A 87 5.68 -9.49 -5.39
N GLY A 88 6.45 -8.39 -5.32
CA GLY A 88 7.15 -7.99 -4.12
C GLY A 88 8.47 -8.69 -3.83
N ALA A 89 9.02 -9.49 -4.76
CA ALA A 89 10.33 -10.16 -4.47
C ALA A 89 11.38 -9.08 -4.20
N ASN A 90 12.18 -9.19 -3.15
CA ASN A 90 13.28 -8.21 -3.01
C ASN A 90 14.32 -8.36 -4.12
N SER A 91 15.37 -7.52 -4.12
CA SER A 91 16.34 -7.55 -5.23
C SER A 91 17.05 -8.88 -5.34
N ARG A 92 17.39 -9.54 -4.25
CA ARG A 92 18.03 -10.78 -4.39
C ARG A 92 17.13 -11.96 -4.72
N VAL A 93 16.00 -12.09 -4.04
CA VAL A 93 15.06 -13.12 -4.42
C VAL A 93 14.63 -12.92 -5.90
N SER A 94 14.48 -11.68 -6.33
CA SER A 94 14.11 -11.38 -7.78
C SER A 94 15.14 -12.07 -8.73
N GLN A 95 16.42 -11.90 -8.48
CA GLN A 95 17.49 -12.61 -9.30
C GLN A 95 17.36 -14.11 -9.17
N LYS A 96 17.10 -14.63 -7.96
CA LYS A 96 16.97 -16.07 -7.77
C LYS A 96 15.78 -16.63 -8.55
N LEU A 97 14.65 -15.91 -8.56
CA LEU A 97 13.47 -16.37 -9.25
C LEU A 97 13.77 -16.57 -10.81
N VAL A 98 14.57 -15.66 -11.36
CA VAL A 98 14.97 -15.74 -12.78
C VAL A 98 15.90 -16.95 -12.94
N LYS A 99 16.97 -17.00 -12.17
CA LYS A 99 17.95 -18.08 -12.33
C LYS A 99 17.36 -19.47 -12.11
N ALA A 100 16.38 -19.61 -11.20
CA ALA A 100 15.78 -20.87 -10.90
C ALA A 100 14.69 -21.32 -11.85
N GLY A 101 14.27 -20.47 -12.79
CA GLY A 101 13.19 -20.83 -13.68
C GLY A 101 11.77 -20.53 -13.15
N ILE A 102 11.65 -19.81 -12.05
CA ILE A 102 10.28 -19.48 -11.56
C ILE A 102 9.66 -18.46 -12.51
N VAL A 103 10.47 -17.52 -12.98
CA VAL A 103 9.92 -16.45 -13.85
C VAL A 103 9.43 -17.11 -15.14
N LYS A 104 10.21 -18.02 -15.70
N LYS A 104 10.22 -18.05 -15.67
CA LYS A 104 9.81 -18.84 -16.85
CA LYS A 104 9.89 -18.85 -16.85
C LYS A 104 8.48 -19.45 -16.58
C LYS A 104 8.62 -19.68 -16.66
N LEU A 105 8.33 -20.08 -15.42
CA LEU A 105 7.11 -20.80 -15.12
C LEU A 105 5.89 -19.92 -15.13
N VAL A 106 5.97 -18.75 -14.52
CA VAL A 106 4.76 -17.98 -14.48
C VAL A 106 4.63 -16.99 -15.63
N GLY A 107 5.75 -16.69 -16.29
CA GLY A 107 5.69 -15.76 -17.41
C GLY A 107 6.26 -14.41 -16.94
N GLU A 108 7.25 -13.82 -17.66
CA GLU A 108 7.84 -12.50 -17.25
C GLU A 108 6.79 -11.44 -17.05
N GLN A 109 5.76 -11.47 -17.88
CA GLN A 109 4.74 -10.41 -17.87
C GLN A 109 3.85 -10.49 -16.57
N ASN A 110 3.97 -11.59 -15.84
CA ASN A 110 3.17 -11.82 -14.63
C ASN A 110 3.96 -11.64 -13.35
N VAL A 111 5.17 -11.06 -13.45
CA VAL A 111 5.99 -10.78 -12.27
C VAL A 111 6.08 -9.24 -12.05
N TYR A 112 5.74 -8.77 -10.85
CA TYR A 112 5.58 -7.35 -10.55
C TYR A 112 6.46 -6.95 -9.41
N PRO A 113 7.15 -5.79 -9.52
CA PRO A 113 7.95 -5.36 -8.39
C PRO A 113 7.13 -5.10 -7.14
N VAL A 114 5.87 -4.64 -7.22
CA VAL A 114 5.11 -4.41 -5.96
CA VAL A 114 5.11 -4.32 -5.99
C VAL A 114 3.68 -4.83 -6.14
N PHE A 115 3.05 -5.07 -5.02
CA PHE A 115 1.78 -5.75 -5.01
C PHE A 115 0.76 -4.88 -5.72
N GLU A 116 0.82 -3.55 -5.57
CA GLU A 116 -0.27 -2.75 -6.14
CA GLU A 116 -0.24 -2.69 -6.13
C GLU A 116 -0.25 -2.84 -7.65
N GLY A 117 0.93 -3.00 -8.23
CA GLY A 117 0.87 -3.16 -9.71
C GLY A 117 0.32 -4.56 -10.14
N ALA A 118 0.60 -5.61 -9.37
CA ALA A 118 -0.02 -6.95 -9.66
C ALA A 118 -1.54 -6.89 -9.51
N LEU A 119 -2.02 -6.20 -8.46
CA LEU A 119 -3.45 -6.11 -8.15
C LEU A 119 -4.15 -5.31 -9.24
N SER A 120 -3.57 -4.16 -9.60
CA SER A 120 -4.06 -3.35 -10.73
C SER A 120 -4.14 -4.17 -12.04
N ALA A 121 -3.05 -4.86 -12.37
CA ALA A 121 -3.08 -5.70 -13.58
C ALA A 121 -4.14 -6.81 -13.53
N ALA A 122 -4.33 -7.41 -12.37
CA ALA A 122 -5.29 -8.53 -12.28
C ALA A 122 -6.71 -8.00 -12.43
N LEU A 123 -6.98 -6.90 -11.75
CA LEU A 123 -8.36 -6.34 -11.77
C LEU A 123 -8.67 -5.89 -13.20
N THR A 124 -7.67 -5.38 -13.89
CA THR A 124 -7.86 -4.99 -15.30
C THR A 124 -8.12 -6.20 -16.22
N GLU A 125 -7.36 -7.27 -16.03
CA GLU A 125 -7.58 -8.51 -16.78
C GLU A 125 -8.96 -9.16 -16.50
N ILE A 126 -9.37 -9.15 -15.26
CA ILE A 126 -10.70 -9.67 -14.91
C ILE A 126 -11.82 -8.84 -15.55
N GLU A 127 -11.70 -7.52 -15.53
CA GLU A 127 -12.66 -6.66 -16.24
C GLU A 127 -12.70 -6.86 -17.76
N ALA A 128 -11.61 -7.21 -18.39
CA ALA A 128 -11.63 -7.41 -19.84
C ALA A 128 -12.35 -8.74 -20.11
N GLN A 129 -12.02 -9.75 -19.30
CA GLN A 129 -12.61 -11.13 -19.30
C GLN A 129 -14.09 -11.13 -18.93
CA ASN B 2 5.63 1.90 2.16
C ASN B 2 5.93 1.33 0.73
N ALA B 3 5.34 0.16 0.43
CA ALA B 3 5.18 -0.28 -0.98
C ALA B 3 4.21 0.72 -1.66
N GLU B 4 3.34 1.32 -0.85
CA GLU B 4 2.39 2.31 -1.32
C GLU B 4 3.16 3.44 -1.89
N SER B 6 6.33 3.43 -2.87
CA SER B 6 7.19 3.14 -4.03
C SER B 6 6.38 3.00 -5.33
N TYR B 7 5.17 2.49 -5.22
CA TYR B 7 4.37 2.29 -6.38
C TYR B 7 3.92 3.66 -6.90
N GLU B 8 3.47 4.55 -6.02
CA GLU B 8 3.02 5.89 -6.49
C GLU B 8 4.19 6.72 -6.96
N LEU B 9 5.32 6.59 -6.29
CA LEU B 9 6.47 7.26 -6.79
C LEU B 9 6.77 6.84 -8.25
N ALA B 10 6.79 5.52 -8.48
CA ALA B 10 7.12 4.97 -9.80
C ALA B 10 6.08 5.40 -10.79
N GLN B 11 4.81 5.50 -10.38
CA GLN B 11 3.76 5.98 -11.33
C GLN B 11 4.02 7.41 -11.81
N HIS B 12 4.76 8.15 -10.99
CA HIS B 12 5.21 9.51 -11.30
C HIS B 12 6.65 9.64 -11.75
N GLY B 13 7.28 8.53 -12.15
CA GLY B 13 8.67 8.56 -12.63
C GLY B 13 9.79 8.88 -11.60
N ARG B 14 9.49 8.73 -10.31
N ARG B 14 9.47 8.60 -10.34
CA ARG B 14 10.53 8.97 -9.33
CA ARG B 14 10.28 8.97 -9.19
C ARG B 14 10.84 7.72 -8.52
C ARG B 14 10.76 7.72 -8.43
N SER B 15 11.94 7.82 -7.78
CA SER B 15 12.40 6.79 -6.84
C SER B 15 12.39 7.34 -5.40
N THR B 16 12.60 8.64 -5.22
CA THR B 16 12.56 9.26 -3.89
C THR B 16 11.38 10.25 -3.76
N LEU B 17 10.97 10.51 -2.51
CA LEU B 17 10.03 11.58 -2.24
C LEU B 17 10.61 12.91 -2.74
N PRO B 18 9.81 13.69 -3.50
CA PRO B 18 10.41 14.95 -3.85
C PRO B 18 10.60 15.90 -2.64
N ARG B 19 11.59 16.79 -2.80
CA ARG B 19 11.93 17.78 -1.77
C ARG B 19 10.67 18.55 -1.26
N GLU B 20 9.68 18.81 -2.13
CA GLU B 20 8.46 19.55 -1.76
C GLU B 20 7.46 18.82 -0.82
N LEU B 21 7.64 17.51 -0.62
CA LEU B 21 6.66 16.65 0.07
C LEU B 21 7.25 16.00 1.31
N ALA B 22 6.57 16.15 2.44
CA ALA B 22 6.89 15.46 3.67
C ALA B 22 5.67 14.62 4.15
N VAL B 23 5.98 13.64 4.97
CA VAL B 23 5.04 12.64 5.43
C VAL B 23 5.30 12.46 6.90
N TYR B 24 4.26 12.57 7.70
CA TYR B 24 4.37 12.30 9.13
C TYR B 24 3.20 11.43 9.59
N ALA B 25 3.45 10.43 10.43
CA ALA B 25 2.34 9.61 10.94
C ALA B 25 2.16 9.85 12.41
N LEU B 26 0.90 10.00 12.82
CA LEU B 26 0.59 10.18 14.23
C LEU B 26 0.72 8.78 14.86
N GLU B 27 1.54 8.67 15.89
CA GLU B 27 2.03 7.30 16.20
C GLU B 27 0.94 6.29 16.65
N GLY B 28 0.19 6.56 17.73
CA GLY B 28 -1.11 5.88 18.03
C GLY B 28 -2.01 6.94 18.66
N PRO B 29 -2.95 6.57 19.57
CA PRO B 29 -3.84 7.59 20.14
C PRO B 29 -3.17 8.69 21.00
N PHE B 30 -2.03 8.38 21.60
CA PHE B 30 -1.30 9.36 22.46
C PHE B 30 -0.09 9.90 21.68
N PHE B 31 -0.37 10.62 20.60
CA PHE B 31 0.70 11.03 19.68
C PHE B 31 1.29 12.35 20.20
N PHE B 32 0.83 12.81 21.37
CA PHE B 32 1.18 14.16 21.88
C PHE B 32 2.68 14.43 21.92
N ALA B 33 3.45 13.48 22.44
CA ALA B 33 4.89 13.73 22.58
C ALA B 33 5.54 13.92 21.21
N ALA B 34 5.27 12.98 20.33
CA ALA B 34 6.02 12.95 19.10
C ALA B 34 5.50 14.10 18.21
N ALA B 35 4.22 14.42 18.28
CA ALA B 35 3.66 15.67 17.79
C ALA B 35 4.35 16.95 18.24
N GLU B 36 4.67 17.05 19.52
CA GLU B 36 5.36 18.22 20.01
C GLU B 36 6.75 18.39 19.33
N THR B 37 7.49 17.31 19.25
CA THR B 37 8.81 17.32 18.67
C THR B 37 8.76 17.68 17.16
N PHE B 38 7.82 17.09 16.45
CA PHE B 38 7.61 17.41 15.05
C PHE B 38 7.26 18.86 14.85
N GLU B 39 6.39 19.37 15.70
CA GLU B 39 6.06 20.78 15.62
C GLU B 39 7.32 21.60 15.83
N ARG B 40 8.13 21.25 16.84
CA ARG B 40 9.43 21.92 17.04
C ARG B 40 10.37 21.82 15.83
N VAL B 41 10.50 20.66 15.25
CA VAL B 41 11.38 20.51 14.11
C VAL B 41 10.89 21.36 12.94
N GLY B 43 9.32 24.08 12.91
CA GLY B 43 9.47 25.51 13.23
C GLY B 43 10.92 25.93 13.32
N SER B 44 11.78 24.96 13.59
CA SER B 44 13.21 25.19 13.76
C SER B 44 14.01 25.00 12.47
N ILE B 45 13.60 24.09 11.61
CA ILE B 45 14.37 23.88 10.37
C ILE B 45 14.25 25.07 9.43
N GLN B 46 15.29 25.23 8.63
CA GLN B 46 15.42 26.33 7.72
C GLN B 46 14.46 26.25 6.54
N GLU B 47 14.34 25.07 5.93
CA GLU B 47 13.49 24.93 4.79
C GLU B 47 12.30 24.05 5.09
N THR B 48 11.13 24.47 4.62
CA THR B 48 9.86 23.72 4.81
C THR B 48 9.35 23.04 3.54
N PRO B 49 8.72 21.83 3.66
CA PRO B 49 8.10 21.25 2.45
C PRO B 49 6.92 22.13 2.00
N GLN B 50 6.46 21.98 0.76
N GLN B 50 6.48 21.97 0.74
CA GLN B 50 5.26 22.67 0.35
CA GLN B 50 5.29 22.63 0.20
C GLN B 50 4.03 21.93 0.88
C GLN B 50 4.02 21.92 0.74
N ILE B 51 4.08 20.61 0.85
CA ILE B 51 2.90 19.79 1.28
C ILE B 51 3.37 18.80 2.34
N LEU B 52 2.56 18.65 3.38
N LEU B 52 2.53 18.62 3.34
CA LEU B 52 2.81 17.62 4.41
CA LEU B 52 2.80 17.63 4.38
C LEU B 52 1.57 16.73 4.43
C LEU B 52 1.57 16.73 4.52
N ILE B 53 1.78 15.42 4.43
CA ILE B 53 0.68 14.47 4.51
C ILE B 53 0.78 13.92 5.96
N LEU B 54 -0.29 14.13 6.69
CA LEU B 54 -0.44 13.59 8.06
CA LEU B 54 -0.38 13.58 8.01
C LEU B 54 -1.18 12.27 8.00
N ARG B 55 -0.53 11.17 8.40
CA ARG B 55 -1.22 9.86 8.30
C ARG B 55 -1.86 9.56 9.64
N LEU B 56 -3.13 9.17 9.62
CA LEU B 56 -3.89 8.94 10.83
C LEU B 56 -4.32 7.49 10.99
N LYS B 57 -3.81 6.57 10.16
CA LYS B 57 -4.33 5.20 10.24
C LYS B 57 -4.01 4.47 11.57
N TRP B 58 -2.99 4.93 12.28
CA TRP B 58 -2.69 4.37 13.56
C TRP B 58 -3.36 5.07 14.75
N VAL B 59 -4.33 5.98 14.46
CA VAL B 59 -5.06 6.65 15.52
C VAL B 59 -6.43 6.03 15.73
N PRO B 60 -6.63 5.31 16.81
CA PRO B 60 -7.91 4.60 16.92
C PRO B 60 -9.10 5.44 17.38
N PHE B 61 -8.85 6.52 18.15
CA PHE B 61 -9.88 7.39 18.67
C PHE B 61 -9.18 8.72 18.95
N ASP B 63 -9.82 12.24 21.58
CA ASP B 63 -10.67 13.03 22.47
C ASP B 63 -10.27 14.48 22.31
N ILE B 64 -10.80 15.34 23.20
CA ILE B 64 -10.66 16.75 23.04
C ILE B 64 -9.20 17.12 23.21
N THR B 65 -8.43 16.31 23.96
CA THR B 65 -6.99 16.54 24.18
C THR B 65 -6.26 16.31 22.85
N GLY B 66 -6.60 15.23 22.15
CA GLY B 66 -5.93 14.97 20.90
C GLY B 66 -6.36 15.99 19.81
N ILE B 67 -7.62 16.37 19.80
CA ILE B 67 -8.16 17.34 18.85
C ILE B 67 -7.44 18.68 18.99
N GLN B 68 -7.31 19.15 20.22
CA GLN B 68 -6.71 20.48 20.43
C GLN B 68 -5.21 20.42 20.07
N THR B 69 -4.57 19.29 20.33
CA THR B 69 -3.15 19.06 19.95
C THR B 69 -2.96 19.12 18.42
N LEU B 70 -3.84 18.42 17.71
CA LEU B 70 -3.73 18.32 16.29
C LEU B 70 -4.03 19.67 15.67
N GLU B 71 -5.11 20.29 16.13
CA GLU B 71 -5.43 21.65 15.70
C GLU B 71 -4.24 22.60 15.83
N GLU B 72 -3.52 22.57 16.95
CA GLU B 72 -2.42 23.47 17.18
C GLU B 72 -1.29 23.13 16.19
N ILE B 74 -1.57 21.66 13.26
CA ILE B 74 -1.92 22.12 11.89
C ILE B 74 -1.81 23.64 11.71
N GLN B 75 -2.29 24.36 12.72
N GLN B 75 -2.28 24.38 12.71
CA GLN B 75 -2.18 25.82 12.66
CA GLN B 75 -2.16 25.85 12.65
C GLN B 75 -0.68 26.21 12.53
C GLN B 75 -0.67 26.27 12.59
N SER B 76 0.19 25.53 13.26
CA SER B 76 1.62 25.81 13.25
C SER B 76 2.30 25.53 11.88
N PHE B 77 1.79 24.55 11.15
CA PHE B 77 2.26 24.29 9.78
C PHE B 77 1.72 25.32 8.86
N HIS B 78 0.46 25.70 9.04
CA HIS B 78 -0.17 26.60 8.09
C HIS B 78 0.49 27.94 8.17
N LYS B 79 1.05 28.24 9.32
CA LYS B 79 1.51 29.62 9.50
C LYS B 79 2.89 29.68 8.86
N ARG B 80 3.49 28.53 8.61
CA ARG B 80 4.71 28.45 7.79
C ARG B 80 4.49 28.22 6.26
N GLY B 81 3.26 28.36 5.80
CA GLY B 81 2.99 28.22 4.38
C GLY B 81 2.83 26.77 3.95
N ILE B 82 2.76 25.82 4.89
CA ILE B 82 2.68 24.38 4.50
C ILE B 82 1.24 23.97 4.27
N LYS B 83 0.97 23.38 3.12
CA LYS B 83 -0.35 22.82 2.92
C LYS B 83 -0.43 21.42 3.56
N VAL B 84 -1.48 21.19 4.33
CA VAL B 84 -1.55 19.91 5.10
C VAL B 84 -2.64 19.04 4.49
N LEU B 85 -2.31 17.81 4.17
CA LEU B 85 -3.36 16.83 3.79
C LEU B 85 -3.48 15.78 4.90
N ILE B 86 -4.65 15.16 5.04
CA ILE B 86 -4.82 14.15 6.07
C ILE B 86 -5.23 12.87 5.37
N SER B 87 -4.73 11.72 5.82
CA SER B 87 -5.17 10.43 5.22
C SER B 87 -5.36 9.41 6.27
N GLY B 88 -6.20 8.41 5.98
CA GLY B 88 -6.13 7.21 6.77
C GLY B 88 -7.06 7.24 7.99
N ALA B 89 -7.83 8.30 8.20
CA ALA B 89 -8.63 8.34 9.46
C ALA B 89 -9.62 7.19 9.43
N ASN B 90 -9.78 6.46 10.52
CA ASN B 90 -10.85 5.40 10.52
C ASN B 90 -12.25 6.03 10.54
N SER B 91 -13.30 5.22 10.47
CA SER B 91 -14.62 5.86 10.30
C SER B 91 -15.05 6.69 11.56
N ARG B 92 -14.65 6.30 12.78
CA ARG B 92 -14.94 7.06 13.99
CA ARG B 92 -14.94 7.07 13.99
C ARG B 92 -14.14 8.38 14.01
N VAL B 93 -12.82 8.28 13.83
CA VAL B 93 -11.96 9.47 13.85
C VAL B 93 -12.42 10.39 12.70
N SER B 94 -12.84 9.80 11.58
CA SER B 94 -13.24 10.66 10.46
C SER B 94 -14.36 11.56 10.88
N GLN B 95 -15.35 10.98 11.52
CA GLN B 95 -16.45 11.75 11.98
C GLN B 95 -16.01 12.78 13.07
N LYS B 96 -15.12 12.38 13.96
CA LYS B 96 -14.60 13.29 14.98
C LYS B 96 -13.88 14.52 14.34
N LEU B 97 -13.10 14.31 13.26
CA LEU B 97 -12.41 15.39 12.58
C LEU B 97 -13.40 16.41 11.97
N VAL B 98 -14.52 15.91 11.47
CA VAL B 98 -15.58 16.87 11.06
C VAL B 98 -16.14 17.62 12.23
N LYS B 99 -16.56 16.87 13.26
CA LYS B 99 -17.22 17.45 14.42
C LYS B 99 -16.28 18.55 15.00
N ALA B 100 -14.97 18.28 15.07
CA ALA B 100 -13.97 19.18 15.66
C ALA B 100 -13.60 20.36 14.84
N GLY B 101 -14.01 20.38 13.58
CA GLY B 101 -13.65 21.49 12.73
C GLY B 101 -12.29 21.31 12.06
N ILE B 102 -11.65 20.16 12.26
CA ILE B 102 -10.32 19.93 11.59
C ILE B 102 -10.46 19.83 10.05
N VAL B 103 -11.53 19.21 9.59
CA VAL B 103 -11.67 19.05 8.17
C VAL B 103 -11.80 20.43 7.53
N LYS B 104 -12.57 21.31 8.15
CA LYS B 104 -12.68 22.66 7.64
C LYS B 104 -11.31 23.35 7.68
N LEU B 105 -10.52 23.08 8.71
CA LEU B 105 -9.17 23.69 8.86
C LEU B 105 -8.24 23.34 7.72
N VAL B 106 -8.17 22.08 7.31
CA VAL B 106 -7.28 21.73 6.22
C VAL B 106 -7.97 21.79 4.84
N GLY B 107 -9.31 21.82 4.80
CA GLY B 107 -10.04 21.84 3.53
C GLY B 107 -10.50 20.44 3.23
N GLU B 108 -11.80 20.25 2.94
CA GLU B 108 -12.39 18.94 2.71
C GLU B 108 -11.67 18.25 1.55
N GLN B 109 -11.22 19.04 0.58
CA GLN B 109 -10.55 18.49 -0.60
C GLN B 109 -9.16 17.88 -0.26
N ASN B 110 -8.66 18.18 0.95
CA ASN B 110 -7.31 17.73 1.39
C ASN B 110 -7.34 16.57 2.38
N VAL B 111 -8.52 15.98 2.55
CA VAL B 111 -8.67 14.82 3.41
C VAL B 111 -8.96 13.55 2.54
N TYR B 112 -8.19 12.48 2.78
CA TYR B 112 -8.20 11.30 1.89
C TYR B 112 -8.49 10.06 2.70
N PRO B 113 -9.37 9.17 2.20
CA PRO B 113 -9.59 7.98 3.01
C PRO B 113 -8.35 7.12 3.16
N VAL B 114 -7.45 7.10 2.18
CA VAL B 114 -6.31 6.21 2.33
CA VAL B 114 -6.31 6.19 2.29
C VAL B 114 -5.02 6.92 1.86
N PHE B 115 -3.90 6.49 2.39
CA PHE B 115 -2.65 7.24 2.12
C PHE B 115 -2.32 7.37 0.63
N GLU B 116 -2.54 6.31 -0.15
CA GLU B 116 -2.16 6.36 -1.57
C GLU B 116 -2.84 7.47 -2.32
N GLY B 117 -4.11 7.71 -2.01
CA GLY B 117 -4.89 8.86 -2.57
C GLY B 117 -4.24 10.22 -2.28
N ALA B 118 -3.77 10.40 -1.03
CA ALA B 118 -3.18 11.69 -0.67
C ALA B 118 -1.81 11.83 -1.39
N LEU B 119 -1.04 10.73 -1.43
CA LEU B 119 0.30 10.70 -2.06
C LEU B 119 0.18 11.04 -3.58
N SER B 120 -0.72 10.41 -4.27
CA SER B 120 -0.99 10.69 -5.67
C SER B 120 -1.40 12.15 -5.90
N ALA B 121 -2.34 12.64 -5.11
CA ALA B 121 -2.75 14.02 -5.17
C ALA B 121 -1.61 14.98 -4.89
N ALA B 122 -0.79 14.65 -3.90
CA ALA B 122 0.31 15.54 -3.57
C ALA B 122 1.31 15.56 -4.73
N LEU B 123 1.66 14.37 -5.26
CA LEU B 123 2.69 14.34 -6.35
C LEU B 123 2.18 15.12 -7.57
N THR B 124 0.90 14.93 -7.90
CA THR B 124 0.26 15.63 -9.01
C THR B 124 0.30 17.15 -8.86
N GLU B 125 -0.08 17.65 -7.70
CA GLU B 125 0.00 19.08 -7.42
C GLU B 125 1.41 19.65 -7.51
N ILE B 126 2.38 18.90 -7.04
CA ILE B 126 3.76 19.36 -7.06
C ILE B 126 4.22 19.47 -8.51
N GLU B 127 3.93 18.44 -9.30
CA GLU B 127 4.16 18.43 -10.74
C GLU B 127 3.49 19.56 -11.56
N ALA B 128 2.37 20.11 -11.08
CA ALA B 128 1.73 21.27 -11.72
C ALA B 128 2.45 22.63 -11.59
N GLN B 129 3.62 22.66 -10.95
CA GLN B 129 4.46 23.88 -10.92
C GLN B 129 5.12 24.20 -12.24
#